data_6CNW
#
_entry.id   6CNW
#
_cell.length_a   54.570
_cell.length_b   54.570
_cell.length_c   35.850
_cell.angle_alpha   90.00
_cell.angle_beta   90.00
_cell.angle_gamma   90.00
#
_symmetry.space_group_name_H-M   'P 41'
#
loop_
_entity.id
_entity.type
_entity.pdbx_description
1 polymer 'humanized antibody SD84h'
2 non-polymer 'ACETATE ION'
3 non-polymer DI(HYDROXYETHYL)ETHER
4 water water
#
_entity_poly.entity_id   1
_entity_poly.type   'polypeptide(L)'
_entity_poly.pdbx_seq_one_letter_code
;EVQLVESGGGLVQPGGSLRLSCAASGFTFSTSWMYWLRQAPGKGLEWVSVINTDGGTYYADSVKGRFTISRDNSKNTLYL
QMNSLRAEDTAVYYCAKDWGGPEPTRGQGTLVTVSS
;
_entity_poly.pdbx_strand_id   A
#
# COMPACT_ATOMS: atom_id res chain seq x y z
N GLU A 1 -6.23 -14.00 14.86
CA GLU A 1 -6.38 -12.60 14.38
C GLU A 1 -5.69 -12.40 13.04
N VAL A 2 -6.15 -11.39 12.32
CA VAL A 2 -5.46 -10.93 11.13
C VAL A 2 -4.29 -10.07 11.54
N GLN A 3 -3.16 -10.27 10.87
CA GLN A 3 -2.01 -9.37 11.01
C GLN A 3 -1.60 -8.88 9.64
N LEU A 4 -1.38 -7.58 9.52
CA LEU A 4 -0.83 -6.94 8.34
C LEU A 4 0.33 -6.10 8.82
N VAL A 5 1.55 -6.42 8.39
CA VAL A 5 2.77 -5.81 8.91
C VAL A 5 3.53 -5.16 7.77
N GLU A 6 3.45 -3.83 7.68
CA GLU A 6 4.09 -3.07 6.62
C GLU A 6 5.50 -2.68 7.00
N SER A 7 6.35 -2.55 5.99
CA SER A 7 7.68 -2.00 6.17
C SER A 7 8.15 -1.44 4.83
N GLY A 8 9.33 -0.82 4.85
CA GLY A 8 9.94 -0.29 3.65
C GLY A 8 9.88 1.22 3.53
N GLY A 9 9.15 1.90 4.40
CA GLY A 9 9.14 3.36 4.35
C GLY A 9 10.49 3.93 4.72
N GLY A 10 10.63 5.23 4.48
CA GLY A 10 11.83 5.93 4.91
C GLY A 10 11.76 7.38 4.48
N LEU A 11 12.83 8.08 4.79
CA LEU A 11 13.08 9.45 4.36
C LEU A 11 13.88 9.42 3.06
N VAL A 12 13.37 10.06 2.02
CA VAL A 12 13.92 9.97 0.69
C VAL A 12 13.80 11.31 -0.02
N GLN A 13 14.71 11.56 -0.95
CA GLN A 13 14.66 12.78 -1.73
C GLN A 13 13.59 12.70 -2.82
N PRO A 14 13.04 13.84 -3.25
CA PRO A 14 12.14 13.82 -4.39
C PRO A 14 12.82 13.21 -5.60
N GLY A 15 12.06 12.43 -6.35
CA GLY A 15 12.59 11.71 -7.48
C GLY A 15 13.11 10.33 -7.15
N GLY A 16 13.24 10.00 -5.86
CA GLY A 16 13.73 8.71 -5.45
C GLY A 16 12.66 7.64 -5.47
N SER A 17 13.03 6.47 -4.97
CA SER A 17 12.17 5.30 -4.99
C SER A 17 12.23 4.58 -3.65
N LEU A 18 11.12 3.91 -3.35
CA LEU A 18 11.00 3.00 -2.21
C LEU A 18 10.16 1.83 -2.66
N ARG A 19 10.31 0.70 -1.97
CA ARG A 19 9.44 -0.45 -2.17
C ARG A 19 8.85 -0.82 -0.81
N LEU A 20 7.55 -0.67 -0.67
CA LEU A 20 6.88 -1.09 0.56
C LEU A 20 6.46 -2.54 0.43
N SER A 21 6.47 -3.24 1.56
CA SER A 21 5.95 -4.60 1.61
C SER A 21 4.99 -4.70 2.80
N CYS A 22 4.05 -5.61 2.67
N CYS A 22 4.10 -5.70 2.70
CA CYS A 22 3.16 -5.95 3.77
CA CYS A 22 3.06 -5.95 3.69
C CYS A 22 3.10 -7.45 3.87
C CYS A 22 2.97 -7.46 3.90
N ALA A 23 3.35 -7.93 5.08
CA ALA A 23 3.28 -9.36 5.42
C ALA A 23 1.91 -9.63 6.04
N ALA A 24 1.16 -10.53 5.42
CA ALA A 24 -0.20 -10.82 5.84
C ALA A 24 -0.33 -12.20 6.47
N SER A 25 -1.22 -12.30 7.46
CA SER A 25 -1.54 -13.59 8.04
C SER A 25 -2.93 -13.54 8.68
N GLY A 26 -3.51 -14.72 8.89
CA GLY A 26 -4.72 -14.85 9.68
C GLY A 26 -6.02 -14.79 8.92
N PHE A 27 -5.95 -14.75 7.60
CA PHE A 27 -7.12 -14.80 6.72
C PHE A 27 -6.67 -15.47 5.43
N THR A 28 -7.60 -15.67 4.53
CA THR A 28 -7.29 -16.35 3.26
C THR A 28 -6.83 -15.28 2.27
N PHE A 29 -5.52 -15.08 2.22
CA PHE A 29 -4.94 -13.98 1.47
C PHE A 29 -5.35 -14.04 0.00
N SER A 30 -5.33 -15.24 -0.58
CA SER A 30 -5.46 -15.35 -2.02
C SER A 30 -6.87 -15.09 -2.53
N THR A 31 -7.86 -15.02 -1.65
CA THR A 31 -9.22 -14.68 -2.06
C THR A 31 -9.62 -13.27 -1.62
N SER A 32 -8.67 -12.47 -1.14
CA SER A 32 -8.95 -11.11 -0.72
C SER A 32 -8.48 -10.09 -1.77
N TRP A 33 -9.27 -9.03 -1.93
CA TRP A 33 -8.78 -7.83 -2.57
C TRP A 33 -7.87 -7.11 -1.58
N MET A 34 -6.74 -6.60 -2.06
CA MET A 34 -5.75 -5.99 -1.20
C MET A 34 -5.48 -4.56 -1.66
N TYR A 35 -5.24 -3.69 -0.69
CA TYR A 35 -5.20 -2.26 -0.89
C TYR A 35 -3.96 -1.65 -0.27
N TRP A 36 -3.49 -0.57 -0.87
CA TRP A 36 -2.67 0.42 -0.19
C TRP A 36 -3.49 1.69 -0.01
N LEU A 37 -3.48 2.20 1.22
CA LEU A 37 -4.09 3.46 1.60
C LEU A 37 -2.96 4.37 2.09
N ARG A 38 -3.23 5.67 2.17
CA ARG A 38 -2.27 6.54 2.82
C ARG A 38 -2.99 7.62 3.59
N GLN A 39 -2.31 8.13 4.61
CA GLN A 39 -2.79 9.24 5.41
C GLN A 39 -1.68 10.27 5.46
N ALA A 40 -1.83 11.33 4.69
CA ALA A 40 -0.89 12.44 4.78
C ALA A 40 -1.14 13.16 6.10
N PRO A 41 -0.09 13.65 6.78
CA PRO A 41 -0.33 14.26 8.09
C PRO A 41 -1.22 15.48 7.95
N GLY A 42 -2.23 15.55 8.79
CA GLY A 42 -3.24 16.58 8.72
C GLY A 42 -4.49 16.18 7.95
N LYS A 43 -4.45 15.05 7.23
CA LYS A 43 -5.55 14.60 6.41
C LYS A 43 -6.08 13.26 6.93
N GLY A 44 -7.19 12.83 6.33
CA GLY A 44 -7.72 11.50 6.55
C GLY A 44 -7.16 10.48 5.58
N LEU A 45 -7.72 9.28 5.64
CA LEU A 45 -7.26 8.20 4.77
C LEU A 45 -7.72 8.43 3.34
N GLU A 46 -6.86 8.04 2.41
CA GLU A 46 -7.22 8.00 1.00
C GLU A 46 -6.67 6.73 0.39
N TRP A 47 -7.38 6.19 -0.59
CA TRP A 47 -6.88 5.00 -1.25
C TRP A 47 -5.86 5.38 -2.32
N VAL A 48 -4.88 4.51 -2.47
CA VAL A 48 -3.76 4.68 -3.39
C VAL A 48 -3.82 3.66 -4.53
N SER A 49 -3.98 2.39 -4.18
CA SER A 49 -3.98 1.34 -5.18
CA SER A 49 -3.87 1.30 -5.14
CA SER A 49 -4.00 1.35 -5.18
C SER A 49 -4.68 0.11 -4.62
N VAL A 50 -5.15 -0.72 -5.55
N VAL A 50 -5.27 -0.67 -5.53
CA VAL A 50 -6.00 -1.87 -5.26
CA VAL A 50 -5.91 -1.92 -5.15
C VAL A 50 -5.61 -2.99 -6.22
C VAL A 50 -5.54 -2.99 -6.17
N ILE A 51 -5.56 -4.22 -5.73
CA ILE A 51 -5.35 -5.38 -6.57
C ILE A 51 -6.40 -6.45 -6.23
N ASN A 52 -7.07 -6.95 -7.28
CA ASN A 52 -8.10 -7.96 -7.11
C ASN A 52 -7.47 -9.35 -7.09
N THR A 53 -8.31 -10.38 -7.00
CA THR A 53 -7.79 -11.74 -6.81
C THR A 53 -7.19 -12.35 -8.06
N ASP A 54 -7.39 -11.74 -9.23
CA ASP A 54 -6.72 -12.21 -10.44
C ASP A 54 -5.57 -11.31 -10.85
N GLY A 55 -5.16 -10.39 -9.99
CA GLY A 55 -4.02 -9.55 -10.26
C GLY A 55 -4.34 -8.26 -11.00
N GLY A 56 -5.61 -8.00 -11.30
CA GLY A 56 -5.96 -6.74 -11.91
C GLY A 56 -5.87 -5.61 -10.91
N THR A 57 -5.49 -4.43 -11.40
CA THR A 57 -5.10 -3.34 -10.53
C THR A 57 -5.84 -2.05 -10.89
N TYR A 58 -5.97 -1.21 -9.86
CA TYR A 58 -6.56 0.12 -9.96
C TYR A 58 -5.70 1.09 -9.15
N TYR A 59 -5.62 2.33 -9.63
CA TYR A 59 -4.76 3.35 -9.02
C TYR A 59 -5.46 4.68 -8.91
N ALA A 60 -5.12 5.41 -7.85
CA ALA A 60 -5.44 6.84 -7.78
C ALA A 60 -4.69 7.58 -8.88
N ASP A 61 -5.31 8.65 -9.40
CA ASP A 61 -4.74 9.33 -10.56
C ASP A 61 -3.30 9.78 -10.33
N SER A 62 -3.01 10.34 -9.16
CA SER A 62 -1.72 11.01 -8.97
C SER A 62 -0.55 10.05 -8.89
N VAL A 63 -0.81 8.74 -8.77
CA VAL A 63 0.26 7.75 -8.66
C VAL A 63 0.40 6.90 -9.91
N LYS A 64 -0.45 7.09 -10.92
CA LYS A 64 -0.35 6.29 -12.14
C LYS A 64 0.99 6.51 -12.81
N GLY A 65 1.66 5.42 -13.18
CA GLY A 65 2.96 5.48 -13.81
C GLY A 65 4.10 5.68 -12.84
N ARG A 66 3.79 5.91 -11.57
CA ARG A 66 4.79 6.08 -10.52
C ARG A 66 4.78 4.92 -9.55
N PHE A 67 3.60 4.53 -9.07
CA PHE A 67 3.49 3.45 -8.10
C PHE A 67 2.90 2.22 -8.78
N THR A 68 3.37 1.03 -8.38
CA THR A 68 2.83 -0.24 -8.88
C THR A 68 2.53 -1.14 -7.69
N ILE A 69 1.29 -1.60 -7.62
CA ILE A 69 0.89 -2.58 -6.62
C ILE A 69 1.06 -3.97 -7.22
N SER A 70 1.54 -4.91 -6.42
CA SER A 70 1.61 -6.30 -6.84
C SER A 70 1.41 -7.20 -5.63
N ARG A 71 1.04 -8.44 -5.90
CA ARG A 71 0.84 -9.42 -4.83
C ARG A 71 1.65 -10.66 -5.13
N ASP A 72 2.22 -11.25 -4.09
CA ASP A 72 2.86 -12.56 -4.14
C ASP A 72 2.05 -13.47 -3.22
N ASN A 73 1.09 -14.17 -3.81
CA ASN A 73 0.19 -14.98 -3.01
C ASN A 73 0.95 -16.07 -2.26
N SER A 74 1.97 -16.67 -2.87
CA SER A 74 2.66 -17.77 -2.23
C SER A 74 3.33 -17.34 -0.94
N LYS A 75 3.68 -16.07 -0.84
CA LYS A 75 4.38 -15.53 0.31
C LYS A 75 3.54 -14.52 1.09
N ASN A 76 2.22 -14.50 0.84
CA ASN A 76 1.31 -13.66 1.61
C ASN A 76 1.81 -12.22 1.68
N THR A 77 2.32 -11.71 0.56
CA THR A 77 2.92 -10.38 0.56
C THR A 77 2.24 -9.46 -0.46
N LEU A 78 1.98 -8.24 -0.03
CA LEU A 78 1.57 -7.15 -0.91
C LEU A 78 2.72 -6.17 -1.03
N TYR A 79 2.98 -5.70 -2.24
CA TYR A 79 4.05 -4.75 -2.51
C TYR A 79 3.50 -3.44 -3.06
N LEU A 80 4.20 -2.34 -2.78
CA LEU A 80 3.99 -1.07 -3.46
C LEU A 80 5.35 -0.56 -3.92
N GLN A 81 5.61 -0.65 -5.22
CA GLN A 81 6.82 -0.06 -5.79
C GLN A 81 6.54 1.41 -6.03
N MET A 82 7.31 2.30 -5.40
CA MET A 82 7.08 3.74 -5.43
C MET A 82 8.24 4.38 -6.16
N ASN A 83 8.05 4.74 -7.42
CA ASN A 83 9.07 5.41 -8.20
C ASN A 83 8.73 6.88 -8.37
N SER A 84 9.76 7.67 -8.63
CA SER A 84 9.58 9.11 -8.90
C SER A 84 8.77 9.79 -7.81
N LEU A 85 9.23 9.63 -6.58
CA LEU A 85 8.50 10.15 -5.44
C LEU A 85 8.46 11.68 -5.45
N ARG A 86 7.36 12.21 -4.90
CA ARG A 86 7.11 13.64 -4.80
C ARG A 86 6.94 14.02 -3.34
N ALA A 87 7.23 15.29 -3.02
CA ALA A 87 7.00 15.77 -1.66
C ALA A 87 5.56 15.49 -1.20
N GLU A 88 4.59 15.62 -2.12
CA GLU A 88 3.18 15.42 -1.80
C GLU A 88 2.85 13.97 -1.46
N ASP A 89 3.77 13.03 -1.72
CA ASP A 89 3.56 11.63 -1.34
C ASP A 89 3.85 11.37 0.13
N THR A 90 4.36 12.35 0.87
CA THR A 90 4.65 12.17 2.29
C THR A 90 3.38 11.77 3.03
N ALA A 91 3.42 10.64 3.72
CA ALA A 91 2.24 10.07 4.36
C ALA A 91 2.64 8.79 5.07
N VAL A 92 1.77 8.33 5.97
CA VAL A 92 1.83 6.96 6.44
C VAL A 92 1.04 6.11 5.46
N TYR A 93 1.67 5.05 4.98
CA TYR A 93 1.07 4.10 4.04
C TYR A 93 0.62 2.87 4.79
N TYR A 94 -0.60 2.44 4.50
CA TYR A 94 -1.23 1.31 5.16
C TYR A 94 -1.62 0.26 4.13
N CYS A 95 -1.30 -1.01 4.40
N CYS A 95 -1.32 -0.97 4.44
CA CYS A 95 -1.89 -2.10 3.63
CA CYS A 95 -1.89 -2.12 3.78
C CYS A 95 -3.18 -2.55 4.30
C CYS A 95 -3.28 -2.35 4.33
N ALA A 96 -4.20 -2.82 3.48
CA ALA A 96 -5.52 -3.16 3.96
C ALA A 96 -6.09 -4.32 3.17
N LYS A 97 -6.84 -5.15 3.88
CA LYS A 97 -7.56 -6.29 3.34
C LYS A 97 -9.03 -5.90 3.15
N ASP A 98 -9.55 -6.15 1.95
CA ASP A 98 -10.99 -6.08 1.69
C ASP A 98 -11.61 -4.80 2.23
N TRP A 99 -10.96 -3.68 1.91
CA TRP A 99 -11.37 -2.39 2.45
C TRP A 99 -12.79 -2.04 2.04
N GLY A 100 -13.26 -2.50 0.88
CA GLY A 100 -14.64 -2.34 0.51
C GLY A 100 -15.57 -3.44 1.02
N GLY A 101 -15.12 -4.17 2.04
CA GLY A 101 -15.88 -5.30 2.59
C GLY A 101 -15.58 -6.57 1.81
N PRO A 102 -15.72 -7.74 2.45
CA PRO A 102 -16.14 -7.98 3.84
C PRO A 102 -14.96 -8.07 4.80
N GLU A 103 -15.27 -7.80 6.06
CA GLU A 103 -14.31 -7.85 7.14
C GLU A 103 -13.03 -7.08 6.80
N PRO A 104 -13.14 -5.76 6.60
CA PRO A 104 -11.95 -4.95 6.34
C PRO A 104 -11.01 -4.94 7.53
N THR A 105 -9.72 -4.91 7.22
CA THR A 105 -8.69 -4.79 8.24
C THR A 105 -7.56 -3.95 7.66
N ARG A 106 -6.93 -3.14 8.51
CA ARG A 106 -5.87 -2.22 8.16
C ARG A 106 -4.62 -2.63 8.93
N GLY A 107 -3.44 -2.38 8.36
CA GLY A 107 -2.19 -2.66 9.03
C GLY A 107 -1.76 -1.56 9.98
N GLN A 108 -0.48 -1.63 10.37
CA GLN A 108 0.08 -0.71 11.35
C GLN A 108 0.71 0.52 10.72
N GLY A 109 0.97 0.49 9.42
CA GLY A 109 1.50 1.63 8.70
C GLY A 109 3.01 1.66 8.62
N THR A 110 3.49 2.31 7.56
CA THR A 110 4.91 2.62 7.39
C THR A 110 5.02 4.05 6.85
N LEU A 111 5.87 4.85 7.48
CA LEU A 111 5.99 6.27 7.14
C LEU A 111 6.92 6.46 5.94
N VAL A 112 6.45 7.27 4.98
CA VAL A 112 7.25 7.73 3.86
C VAL A 112 7.32 9.25 3.95
N THR A 113 8.54 9.80 4.05
CA THR A 113 8.74 11.24 4.08
C THR A 113 9.63 11.60 2.91
N VAL A 114 9.14 12.45 2.03
CA VAL A 114 9.85 12.83 0.82
C VAL A 114 10.26 14.29 0.97
N SER A 115 11.57 14.55 1.00
CA SER A 115 12.06 15.88 1.31
C SER A 115 13.40 16.11 0.61
N SER A 116 13.59 17.33 0.13
CA SER A 116 14.91 17.79 -0.25
C SER A 116 15.54 18.49 0.96
#